data_4QQE
#
_entry.id   4QQE
#
_cell.length_a   80.896
_cell.length_b   85.267
_cell.length_c   40.209
_cell.angle_alpha   90.000
_cell.angle_beta   90.000
_cell.angle_gamma   90.000
#
_symmetry.space_group_name_H-M   'P 21 21 2'
#
loop_
_entity.id
_entity.type
_entity.pdbx_description
1 polymer 'WD repeat-containing protein 5'
2 non-polymer N-[2-(4-methylpiperazin-1-yl)-5-(quinolin-3-yl)phenyl]-6-oxo-4-(trifluoromethyl)-1,6-dihydropyridine-3-carboxamide
3 non-polymer 'CHLORIDE ION'
4 non-polymer 1,2-ETHANEDIOL
5 non-polymer 'UNKNOWN ATOM OR ION'
6 water water
#
_entity_poly.entity_id   1
_entity_poly.type   'polypeptide(L)'
_entity_poly.pdbx_seq_one_letter_code
;GTQSKPTPVKPNYALKFTLAGHTKAVSSVKFSPNGEWLASSSADKLIKIWGAYDGKFEKTISGHKLGISDVAWSSDSNLL
VSASDDKTLKIWDVSSGKCLKTLKGHSNYVFCCNFNPQSNLIVSGSFDESVRIWDVKTGKCLKTLPAHSDPVSAVHFNRD
GSLIVSSSYDGLCRIWDTASGQCLKTLIDDDNPPVSFVKFSPNGKYILAATLDNTLKLWDYSKGKCLKTYTGHKNEKYCI
FANFSVTGGKWIVSGSEDNLVYIWNLQTKEIVQKLQGHTDVVISTACHPTENIIASAALENDKTIKLWKSDC
;
_entity_poly.pdbx_strand_id   A
#
loop_
_chem_comp.id
_chem_comp.type
_chem_comp.name
_chem_comp.formula
37F non-polymer N-[2-(4-methylpiperazin-1-yl)-5-(quinolin-3-yl)phenyl]-6-oxo-4-(trifluoromethyl)-1,6-dihydropyridine-3-carboxamide 'C27 H24 F3 N5 O2'
CL non-polymer 'CHLORIDE ION' 'Cl -1'
EDO non-polymer 1,2-ETHANEDIOL 'C2 H6 O2'
UNX non-polymer 'UNKNOWN ATOM OR ION' ?
#
# COMPACT_ATOMS: atom_id res chain seq x y z
N VAL A 9 -16.22 5.05 20.41
CA VAL A 9 -15.98 6.45 19.94
C VAL A 9 -14.48 6.70 19.66
N LYS A 10 -13.62 6.12 20.48
CA LYS A 10 -12.17 6.10 20.20
C LYS A 10 -11.65 4.67 20.31
N PRO A 11 -10.63 4.32 19.50
CA PRO A 11 -9.98 3.04 19.71
C PRO A 11 -8.91 3.20 20.77
N ASN A 12 -8.37 2.08 21.26
CA ASN A 12 -7.28 2.12 22.22
C ASN A 12 -6.10 1.23 21.80
N TYR A 13 -5.65 1.41 20.56
CA TYR A 13 -4.43 0.73 20.09
C TYR A 13 -3.29 0.94 21.07
N ALA A 14 -2.61 -0.16 21.42
CA ALA A 14 -1.39 -0.11 22.22
C ALA A 14 -0.35 -1.07 21.67
N LEU A 15 0.90 -0.73 21.86
CA LEU A 15 2.01 -1.50 21.31
C LEU A 15 2.06 -2.90 21.92
N LYS A 16 2.02 -3.91 21.08
CA LYS A 16 2.15 -5.31 21.51
C LYS A 16 3.52 -5.89 21.19
N PHE A 17 3.99 -5.73 19.96
CA PHE A 17 5.28 -6.29 19.54
C PHE A 17 6.05 -5.32 18.69
N THR A 18 7.37 -5.39 18.77
CA THR A 18 8.26 -4.72 17.85
C THR A 18 9.04 -5.80 17.10
N LEU A 19 9.03 -5.72 15.77
CA LEU A 19 9.63 -6.72 14.91
C LEU A 19 10.88 -6.17 14.28
N ALA A 20 12.03 -6.68 14.74
CA ALA A 20 13.32 -6.22 14.29
C ALA A 20 13.98 -7.34 13.49
N GLY A 21 14.75 -6.96 12.48
CA GLY A 21 15.39 -7.93 11.59
C GLY A 21 15.86 -7.27 10.31
N HIS A 22 15.05 -6.39 9.74
CA HIS A 22 15.51 -5.62 8.58
C HIS A 22 16.70 -4.72 8.96
N THR A 23 17.65 -4.57 8.04
CA THR A 23 18.86 -3.82 8.31
C THR A 23 18.87 -2.46 7.59
N LYS A 24 17.76 -2.13 6.94
CA LYS A 24 17.58 -0.83 6.33
C LYS A 24 16.10 -0.48 6.47
N ALA A 25 15.73 0.69 5.94
CA ALA A 25 14.36 1.17 5.97
C ALA A 25 13.38 0.08 5.59
N VAL A 26 12.27 0.03 6.31
CA VAL A 26 11.17 -0.86 5.94
C VAL A 26 10.18 -0.05 5.11
N SER A 27 9.90 -0.53 3.91
CA SER A 27 9.13 0.21 2.93
C SER A 27 7.62 -0.09 2.96
N SER A 28 7.25 -1.32 3.34
CA SER A 28 5.85 -1.72 3.20
C SER A 28 5.55 -2.92 4.10
N VAL A 29 4.36 -2.90 4.70
CA VAL A 29 3.84 -4.02 5.47
C VAL A 29 2.42 -4.35 4.99
N LYS A 30 2.13 -5.65 4.85
CA LYS A 30 0.81 -6.10 4.42
C LYS A 30 0.40 -7.39 5.16
N PHE A 31 -0.84 -7.44 5.66
CA PHE A 31 -1.34 -8.67 6.29
C PHE A 31 -1.84 -9.59 5.21
N SER A 32 -1.58 -10.89 5.34
CA SER A 32 -2.14 -11.84 4.39
C SER A 32 -3.66 -11.80 4.51
N PRO A 33 -4.38 -12.06 3.40
CA PRO A 33 -5.85 -12.04 3.50
C PRO A 33 -6.45 -13.03 4.50
N ASN A 34 -5.75 -14.14 4.75
CA ASN A 34 -6.22 -15.10 5.76
C ASN A 34 -5.87 -14.72 7.20
N GLY A 35 -5.23 -13.55 7.39
CA GLY A 35 -4.92 -13.04 8.71
C GLY A 35 -3.75 -13.66 9.46
N GLU A 36 -3.09 -14.66 8.89
CA GLU A 36 -2.09 -15.44 9.61
C GLU A 36 -0.72 -14.76 9.65
N TRP A 37 -0.41 -13.99 8.60
CA TRP A 37 0.94 -13.51 8.40
C TRP A 37 0.99 -12.02 8.13
N LEU A 38 2.17 -11.47 8.37
CA LEU A 38 2.52 -10.14 7.89
C LEU A 38 3.74 -10.27 6.98
N ALA A 39 3.71 -9.62 5.84
CA ALA A 39 4.87 -9.53 4.98
C ALA A 39 5.43 -8.13 5.04
N SER A 40 6.73 -8.03 5.03
CA SER A 40 7.39 -6.74 4.99
C SER A 40 8.42 -6.71 3.89
N SER A 41 8.63 -5.51 3.32
CA SER A 41 9.67 -5.27 2.33
C SER A 41 10.59 -4.16 2.82
N SER A 42 11.80 -4.11 2.30
CA SER A 42 12.79 -3.19 2.82
C SER A 42 13.80 -2.79 1.76
N ALA A 43 14.43 -1.65 1.98
CA ALA A 43 15.60 -1.20 1.22
C ALA A 43 16.79 -2.17 1.32
N ASP A 44 16.76 -3.09 2.28
CA ASP A 44 17.79 -4.14 2.38
C ASP A 44 17.64 -5.27 1.34
N LYS A 45 16.69 -5.12 0.43
CA LYS A 45 16.45 -6.06 -0.67
C LYS A 45 15.72 -7.32 -0.25
N LEU A 46 15.22 -7.36 0.99
CA LEU A 46 14.60 -8.58 1.48
C LEU A 46 13.12 -8.38 1.74
N ILE A 47 12.38 -9.47 1.64
CA ILE A 47 11.03 -9.63 2.14
C ILE A 47 11.15 -10.48 3.36
N LYS A 48 10.41 -10.13 4.40
CA LYS A 48 10.32 -10.95 5.59
C LYS A 48 8.86 -11.24 5.90
N ILE A 49 8.64 -12.44 6.43
CA ILE A 49 7.36 -12.91 6.86
C ILE A 49 7.41 -13.08 8.38
N TRP A 50 6.34 -12.65 9.04
CA TRP A 50 6.22 -12.66 10.49
C TRP A 50 4.81 -13.10 10.86
N GLY A 51 4.65 -13.70 12.03
CA GLY A 51 3.33 -14.09 12.51
C GLY A 51 2.50 -12.85 12.81
N ALA A 52 1.26 -12.79 12.32
CA ALA A 52 0.41 -11.61 12.48
C ALA A 52 -0.03 -11.35 13.93
N TYR A 53 -0.15 -12.43 14.70
CA TYR A 53 -0.70 -12.36 16.06
C TYR A 53 0.34 -12.37 17.17
N ASP A 54 1.52 -12.93 16.91
CA ASP A 54 2.57 -13.03 17.92
C ASP A 54 3.85 -12.27 17.52
N GLY A 55 3.90 -11.73 16.31
CA GLY A 55 5.08 -11.03 15.83
C GLY A 55 6.32 -11.89 15.58
N LYS A 56 6.18 -13.21 15.62
CA LYS A 56 7.34 -14.11 15.55
C LYS A 56 7.90 -14.12 14.14
N PHE A 57 9.20 -13.88 14.01
CA PHE A 57 9.85 -14.02 12.71
C PHE A 57 9.65 -15.42 12.10
N GLU A 58 9.22 -15.46 10.85
CA GLU A 58 8.93 -16.70 10.15
C GLU A 58 10.03 -17.03 9.14
N LYS A 59 10.21 -16.17 8.13
CA LYS A 59 11.24 -16.44 7.11
C LYS A 59 11.61 -15.20 6.33
N THR A 60 12.76 -15.29 5.63
CA THR A 60 13.25 -14.26 4.72
C THR A 60 13.17 -14.78 3.28
N ILE A 61 12.71 -13.93 2.37
CA ILE A 61 12.61 -14.26 0.94
C ILE A 61 13.49 -13.28 0.20
N SER A 62 14.42 -13.80 -0.59
CA SER A 62 15.46 -13.01 -1.22
C SER A 62 15.46 -13.21 -2.72
N GLY A 63 15.99 -12.23 -3.43
CA GLY A 63 16.15 -12.34 -4.86
C GLY A 63 16.34 -11.02 -5.59
N HIS A 64 15.70 -9.95 -5.11
CA HIS A 64 15.83 -8.68 -5.79
C HIS A 64 17.25 -8.17 -5.67
N LYS A 65 17.68 -7.42 -6.68
CA LYS A 65 19.06 -6.91 -6.73
C LYS A 65 19.21 -5.55 -6.10
N LEU A 66 18.10 -4.87 -5.82
CA LEU A 66 18.11 -3.57 -5.16
C LEU A 66 16.91 -3.53 -4.22
N GLY A 67 16.75 -2.39 -3.57
CA GLY A 67 15.73 -2.19 -2.56
C GLY A 67 14.34 -2.47 -3.08
N ILE A 68 13.46 -2.84 -2.16
CA ILE A 68 12.06 -3.17 -2.49
C ILE A 68 11.15 -2.09 -1.91
N SER A 69 10.27 -1.56 -2.77
CA SER A 69 9.37 -0.49 -2.39
CA SER A 69 9.33 -0.49 -2.40
C SER A 69 8.00 -1.02 -1.88
N ASP A 70 7.56 -2.19 -2.33
CA ASP A 70 6.19 -2.65 -2.00
C ASP A 70 6.08 -4.16 -2.15
N VAL A 71 5.13 -4.73 -1.44
CA VAL A 71 4.80 -6.16 -1.49
CA VAL A 71 4.78 -6.15 -1.51
C VAL A 71 3.28 -6.24 -1.41
N ALA A 72 2.70 -7.31 -1.94
CA ALA A 72 1.26 -7.54 -1.89
C ALA A 72 0.97 -9.03 -2.02
N TRP A 73 -0.13 -9.45 -1.39
CA TRP A 73 -0.53 -10.84 -1.32
C TRP A 73 -1.63 -11.19 -2.33
N SER A 74 -1.57 -12.42 -2.84
CA SER A 74 -2.69 -12.98 -3.60
C SER A 74 -3.84 -13.24 -2.64
N SER A 75 -5.05 -13.35 -3.20
CA SER A 75 -6.24 -13.53 -2.41
C SER A 75 -6.27 -14.77 -1.54
N ASP A 76 -5.61 -15.83 -1.98
CA ASP A 76 -5.54 -17.09 -1.25
C ASP A 76 -4.34 -17.16 -0.25
N SER A 77 -3.66 -16.04 -0.06
CA SER A 77 -2.49 -15.92 0.81
C SER A 77 -1.30 -16.78 0.43
N ASN A 78 -1.31 -17.42 -0.74
CA ASN A 78 -0.18 -18.27 -1.13
C ASN A 78 0.95 -17.61 -1.88
N LEU A 79 0.67 -16.50 -2.54
CA LEU A 79 1.68 -15.82 -3.32
C LEU A 79 1.87 -14.40 -2.83
N LEU A 80 3.05 -13.88 -3.11
CA LEU A 80 3.36 -12.47 -2.92
C LEU A 80 3.92 -11.90 -4.22
N VAL A 81 3.67 -10.62 -4.44
CA VAL A 81 4.36 -9.91 -5.50
C VAL A 81 5.12 -8.76 -4.87
N SER A 82 6.32 -8.48 -5.38
CA SER A 82 7.18 -7.41 -4.85
C SER A 82 7.59 -6.47 -5.95
N ALA A 83 7.72 -5.19 -5.61
CA ALA A 83 8.11 -4.15 -6.55
C ALA A 83 9.44 -3.52 -6.11
N SER A 84 10.42 -3.47 -7.02
CA SER A 84 11.78 -3.14 -6.64
C SER A 84 12.42 -2.02 -7.46
N ASP A 85 13.43 -1.39 -6.86
CA ASP A 85 14.27 -0.44 -7.54
C ASP A 85 15.07 -1.07 -8.68
N ASP A 86 15.18 -2.41 -8.70
CA ASP A 86 15.86 -3.11 -9.80
C ASP A 86 15.03 -3.15 -11.08
N LYS A 87 13.89 -2.46 -11.07
CA LYS A 87 13.02 -2.24 -12.22
C LYS A 87 12.13 -3.43 -12.54
N THR A 88 12.16 -4.45 -11.69
CA THR A 88 11.31 -5.62 -11.83
C THR A 88 10.29 -5.77 -10.69
N LEU A 89 9.28 -6.59 -10.96
CA LEU A 89 8.50 -7.23 -9.93
C LEU A 89 8.86 -8.73 -9.88
N LYS A 90 8.69 -9.33 -8.72
CA LYS A 90 8.84 -10.78 -8.61
C LYS A 90 7.60 -11.34 -7.97
N ILE A 91 7.17 -12.49 -8.48
CA ILE A 91 6.11 -13.29 -7.91
C ILE A 91 6.73 -14.45 -7.14
N TRP A 92 6.33 -14.58 -5.87
CA TRP A 92 6.92 -15.56 -4.95
C TRP A 92 5.86 -16.55 -4.47
N ASP A 93 6.23 -17.83 -4.41
CA ASP A 93 5.46 -18.79 -3.68
C ASP A 93 5.93 -18.74 -2.22
N VAL A 94 5.08 -18.27 -1.32
CA VAL A 94 5.50 -17.99 0.06
C VAL A 94 5.98 -19.24 0.83
N SER A 95 5.25 -20.35 0.67
CA SER A 95 5.57 -21.60 1.35
CA SER A 95 5.60 -21.57 1.39
C SER A 95 6.97 -22.12 0.99
N SER A 96 7.30 -22.08 -0.29
CA SER A 96 8.57 -22.65 -0.76
C SER A 96 9.68 -21.61 -0.82
N GLY A 97 9.31 -20.34 -0.87
CA GLY A 97 10.28 -19.27 -1.07
C GLY A 97 10.71 -19.09 -2.51
N LYS A 98 10.18 -19.90 -3.43
CA LYS A 98 10.54 -19.85 -4.83
C LYS A 98 10.10 -18.55 -5.48
N CYS A 99 11.00 -17.98 -6.29
CA CYS A 99 10.62 -16.96 -7.24
C CYS A 99 9.98 -17.62 -8.47
N LEU A 100 8.66 -17.49 -8.58
CA LEU A 100 7.92 -18.08 -9.68
C LEU A 100 8.11 -17.35 -11.00
N LYS A 101 8.08 -16.01 -10.96
CA LYS A 101 8.27 -15.19 -12.16
C LYS A 101 8.97 -13.89 -11.82
N THR A 102 9.73 -13.36 -12.77
CA THR A 102 10.26 -12.01 -12.70
C THR A 102 9.59 -11.22 -13.81
N LEU A 103 8.88 -10.14 -13.45
CA LEU A 103 8.10 -9.33 -14.39
C LEU A 103 8.96 -8.15 -14.85
N LYS A 104 9.38 -8.20 -16.12
CA LYS A 104 10.32 -7.24 -16.69
C LYS A 104 9.59 -6.42 -17.76
N GLY A 105 9.87 -5.12 -17.79
CA GLY A 105 9.24 -4.23 -18.75
C GLY A 105 9.26 -2.77 -18.35
N HIS A 106 9.15 -2.49 -17.05
CA HIS A 106 9.28 -1.12 -16.61
C HIS A 106 10.70 -0.66 -16.93
N SER A 107 10.83 0.62 -17.27
CA SER A 107 12.12 1.16 -17.63
C SER A 107 12.81 1.86 -16.45
N ASN A 108 12.18 1.85 -15.27
CA ASN A 108 12.82 2.38 -14.08
C ASN A 108 12.13 1.82 -12.81
N TYR A 109 12.52 2.34 -11.65
CA TYR A 109 12.06 1.85 -10.34
C TYR A 109 10.59 1.51 -10.35
N VAL A 110 10.23 0.37 -9.78
CA VAL A 110 8.84 0.00 -9.62
C VAL A 110 8.47 0.26 -8.19
N PHE A 111 7.48 1.13 -7.99
CA PHE A 111 7.13 1.60 -6.64
C PHE A 111 5.96 0.90 -5.95
N CYS A 112 5.08 0.29 -6.71
CA CYS A 112 3.82 -0.19 -6.11
C CYS A 112 3.26 -1.35 -6.89
N CYS A 113 2.50 -2.19 -6.21
CA CYS A 113 1.98 -3.41 -6.78
C CYS A 113 0.78 -3.96 -6.03
N ASN A 114 -0.07 -4.70 -6.75
CA ASN A 114 -1.24 -5.30 -6.15
C ASN A 114 -1.72 -6.41 -7.06
N PHE A 115 -2.26 -7.49 -6.47
CA PHE A 115 -3.00 -8.49 -7.24
C PHE A 115 -4.42 -7.96 -7.40
N ASN A 116 -5.11 -8.40 -8.44
CA ASN A 116 -6.57 -8.29 -8.46
C ASN A 116 -7.24 -9.30 -7.52
N PRO A 117 -8.55 -9.13 -7.24
CA PRO A 117 -9.20 -10.11 -6.35
C PRO A 117 -9.19 -11.56 -6.85
N GLN A 118 -9.36 -11.76 -8.16
CA GLN A 118 -9.22 -13.08 -8.74
C GLN A 118 -7.77 -13.59 -8.63
N SER A 119 -6.82 -12.65 -8.57
CA SER A 119 -5.37 -12.92 -8.47
C SER A 119 -4.79 -13.65 -9.66
N ASN A 120 -5.43 -13.50 -10.82
CA ASN A 120 -4.84 -13.86 -12.09
C ASN A 120 -4.08 -12.70 -12.71
N LEU A 121 -4.21 -11.48 -12.15
CA LEU A 121 -3.51 -10.31 -12.69
C LEU A 121 -2.76 -9.54 -11.59
N ILE A 122 -1.71 -8.86 -12.02
CA ILE A 122 -0.97 -7.94 -11.15
C ILE A 122 -0.96 -6.56 -11.82
N VAL A 123 -1.11 -5.52 -11.01
CA VAL A 123 -0.94 -4.14 -11.48
C VAL A 123 0.28 -3.53 -10.79
N SER A 124 1.07 -2.76 -11.54
CA SER A 124 2.26 -2.11 -11.02
C SER A 124 2.28 -0.66 -11.45
N GLY A 125 2.93 0.18 -10.63
CA GLY A 125 3.21 1.56 -10.97
C GLY A 125 4.69 1.86 -10.82
N SER A 126 5.20 2.74 -11.67
CA SER A 126 6.63 3.00 -11.74
C SER A 126 7.01 4.49 -11.88
N PHE A 127 8.27 4.76 -11.51
CA PHE A 127 8.93 6.02 -11.82
C PHE A 127 8.82 6.31 -13.31
N ASP A 128 8.75 5.28 -14.14
CA ASP A 128 8.65 5.49 -15.59
C ASP A 128 7.30 6.08 -16.05
N GLU A 129 6.39 6.30 -15.11
CA GLU A 129 5.15 7.05 -15.31
C GLU A 129 4.04 6.19 -15.93
N SER A 130 4.29 4.89 -16.05
CA SER A 130 3.29 3.96 -16.54
C SER A 130 2.69 3.10 -15.45
N VAL A 131 1.54 2.52 -15.77
CA VAL A 131 0.90 1.48 -15.01
C VAL A 131 0.89 0.26 -15.92
N ARG A 132 1.37 -0.88 -15.42
CA ARG A 132 1.37 -2.11 -16.21
C ARG A 132 0.50 -3.19 -15.59
N ILE A 133 -0.11 -3.99 -16.45
CA ILE A 133 -1.00 -5.05 -16.03
C ILE A 133 -0.35 -6.33 -16.57
N TRP A 134 -0.16 -7.29 -15.66
CA TRP A 134 0.61 -8.49 -15.94
C TRP A 134 -0.25 -9.72 -15.73
N ASP A 135 0.03 -10.72 -16.54
CA ASP A 135 -0.49 -12.05 -16.31
C ASP A 135 0.35 -12.83 -15.28
N VAL A 136 -0.32 -13.28 -14.22
CA VAL A 136 0.37 -13.93 -13.10
C VAL A 136 1.01 -15.28 -13.54
N LYS A 137 0.24 -16.06 -14.28
N LYS A 137 0.23 -16.07 -14.28
CA LYS A 137 0.65 -17.41 -14.68
CA LYS A 137 0.65 -17.41 -14.70
C LYS A 137 1.84 -17.41 -15.64
C LYS A 137 1.87 -17.39 -15.63
N THR A 138 1.83 -16.52 -16.65
CA THR A 138 2.92 -16.44 -17.65
C THR A 138 4.01 -15.44 -17.31
N GLY A 139 3.71 -14.47 -16.44
CA GLY A 139 4.62 -13.38 -16.19
C GLY A 139 4.65 -12.32 -17.27
N LYS A 140 3.83 -12.46 -18.32
CA LYS A 140 3.84 -11.52 -19.44
C LYS A 140 3.07 -10.24 -19.10
N CYS A 141 3.57 -9.13 -19.61
CA CYS A 141 2.86 -7.85 -19.53
C CYS A 141 1.75 -7.85 -20.58
N LEU A 142 0.52 -7.68 -20.11
CA LEU A 142 -0.65 -7.66 -20.98
C LEU A 142 -0.95 -6.27 -21.55
N LYS A 143 -0.74 -5.24 -20.74
CA LYS A 143 -1.02 -3.85 -21.12
C LYS A 143 -0.06 -2.90 -20.44
N THR A 144 0.45 -1.93 -21.19
CA THR A 144 1.20 -0.81 -20.61
C THR A 144 0.30 0.42 -20.80
N LEU A 145 -0.11 1.03 -19.70
CA LEU A 145 -0.95 2.23 -19.74
C LEU A 145 -0.03 3.44 -19.59
N PRO A 146 -0.02 4.35 -20.59
CA PRO A 146 0.71 5.61 -20.40
C PRO A 146 -0.10 6.52 -19.48
N ALA A 147 -0.09 6.16 -18.21
CA ALA A 147 -1.09 6.64 -17.28
C ALA A 147 -0.93 8.08 -16.79
N HIS A 148 0.31 8.53 -16.64
CA HIS A 148 0.60 9.77 -15.96
C HIS A 148 1.80 10.50 -16.59
N SER A 149 2.01 11.74 -16.17
CA SER A 149 3.13 12.52 -16.68
C SER A 149 4.22 12.72 -15.62
N ASP A 150 4.19 11.91 -14.57
CA ASP A 150 5.21 11.90 -13.48
C ASP A 150 5.14 10.55 -12.78
N PRO A 151 6.11 10.27 -11.91
CA PRO A 151 6.07 8.95 -11.24
C PRO A 151 4.72 8.52 -10.62
N VAL A 152 4.44 7.23 -10.74
CA VAL A 152 3.22 6.64 -10.17
C VAL A 152 3.51 6.10 -8.76
N SER A 153 2.74 6.57 -7.80
CA SER A 153 2.99 6.30 -6.38
C SER A 153 2.17 5.13 -5.81
N ALA A 154 0.98 4.86 -6.34
CA ALA A 154 0.13 3.75 -5.87
C ALA A 154 -0.77 3.23 -6.99
N VAL A 155 -1.13 1.95 -6.92
CA VAL A 155 -2.04 1.29 -7.85
C VAL A 155 -2.89 0.29 -7.05
N HIS A 156 -4.20 0.23 -7.30
CA HIS A 156 -5.10 -0.66 -6.55
C HIS A 156 -6.30 -1.07 -7.40
N PHE A 157 -6.67 -2.35 -7.33
CA PHE A 157 -7.88 -2.81 -8.00
C PHE A 157 -9.05 -2.55 -7.10
N ASN A 158 -10.22 -2.30 -7.68
CA ASN A 158 -11.43 -2.26 -6.91
C ASN A 158 -11.94 -3.69 -6.56
N ARG A 159 -13.10 -3.74 -5.91
CA ARG A 159 -13.60 -4.99 -5.30
C ARG A 159 -13.77 -6.15 -6.28
N ASP A 160 -14.22 -5.89 -7.51
CA ASP A 160 -14.43 -6.98 -8.48
C ASP A 160 -13.37 -7.02 -9.56
N GLY A 161 -12.39 -6.14 -9.43
CA GLY A 161 -11.24 -6.10 -10.33
C GLY A 161 -11.46 -5.45 -11.68
N SER A 162 -12.62 -4.83 -11.90
CA SER A 162 -12.92 -4.18 -13.18
C SER A 162 -12.25 -2.82 -13.32
N LEU A 163 -11.90 -2.20 -12.19
CA LEU A 163 -11.25 -0.88 -12.23
C LEU A 163 -9.89 -0.94 -11.54
N ILE A 164 -8.97 -0.10 -12.00
CA ILE A 164 -7.71 0.19 -11.32
C ILE A 164 -7.69 1.68 -11.01
N VAL A 165 -7.27 2.06 -9.79
CA VAL A 165 -6.98 3.46 -9.44
C VAL A 165 -5.48 3.63 -9.32
N SER A 166 -4.98 4.73 -9.89
CA SER A 166 -3.58 5.10 -9.84
C SER A 166 -3.42 6.53 -9.34
N SER A 167 -2.28 6.80 -8.71
CA SER A 167 -1.96 8.12 -8.19
C SER A 167 -0.57 8.47 -8.65
N SER A 168 -0.32 9.76 -8.83
CA SER A 168 0.96 10.20 -9.37
C SER A 168 1.38 11.54 -8.84
N TYR A 169 2.68 11.78 -8.90
CA TYR A 169 3.25 13.10 -8.67
C TYR A 169 2.76 14.17 -9.65
N ASP A 170 2.10 13.79 -10.75
CA ASP A 170 1.45 14.78 -11.62
C ASP A 170 0.21 15.45 -10.99
N GLY A 171 -0.14 15.05 -9.76
CA GLY A 171 -1.26 15.65 -9.05
C GLY A 171 -2.61 15.05 -9.35
N LEU A 172 -2.64 13.99 -10.16
CA LEU A 172 -3.89 13.36 -10.51
C LEU A 172 -4.04 11.97 -9.94
N CYS A 173 -5.30 11.62 -9.71
CA CYS A 173 -5.74 10.23 -9.52
CA CYS A 173 -5.74 10.25 -9.51
C CYS A 173 -6.55 9.84 -10.74
N ARG A 174 -6.25 8.67 -11.29
CA ARG A 174 -6.95 8.23 -12.47
C ARG A 174 -7.49 6.82 -12.27
N ILE A 175 -8.62 6.57 -12.92
CA ILE A 175 -9.27 5.27 -12.83
CA ILE A 175 -9.29 5.28 -12.83
C ILE A 175 -9.31 4.66 -14.21
N TRP A 176 -8.92 3.39 -14.28
CA TRP A 176 -8.71 2.71 -15.53
C TRP A 176 -9.64 1.51 -15.61
N ASP A 177 -10.14 1.28 -16.81
CA ASP A 177 -10.86 0.04 -17.10
C ASP A 177 -9.86 -1.08 -17.30
N THR A 178 -9.90 -2.07 -16.41
CA THR A 178 -8.91 -3.15 -16.43
C THR A 178 -8.90 -3.90 -17.77
N ALA A 179 -10.08 -4.18 -18.33
CA ALA A 179 -10.20 -4.92 -19.60
C ALA A 179 -9.64 -4.16 -20.80
N SER A 180 -10.01 -2.88 -20.96
CA SER A 180 -9.62 -2.09 -22.15
C SER A 180 -8.36 -1.23 -22.00
N GLY A 181 -8.06 -0.84 -20.78
CA GLY A 181 -6.94 0.06 -20.52
C GLY A 181 -7.32 1.52 -20.71
N GLN A 182 -8.60 1.78 -20.98
CA GLN A 182 -9.07 3.14 -21.18
C GLN A 182 -9.13 3.87 -19.84
N CYS A 183 -8.73 5.15 -19.84
CA CYS A 183 -8.94 6.02 -18.67
C CYS A 183 -10.40 6.40 -18.57
N LEU A 184 -11.02 6.05 -17.46
CA LEU A 184 -12.43 6.34 -17.23
C LEU A 184 -12.70 7.61 -16.45
N LYS A 185 -11.73 8.07 -15.66
CA LYS A 185 -11.93 9.21 -14.78
C LYS A 185 -10.58 9.79 -14.38
N THR A 186 -10.50 11.12 -14.37
CA THR A 186 -9.41 11.84 -13.75
C THR A 186 -10.02 12.67 -12.62
N LEU A 187 -9.50 12.48 -11.41
CA LEU A 187 -9.96 13.20 -10.22
C LEU A 187 -8.98 14.29 -9.86
N ILE A 188 -9.49 15.50 -9.71
CA ILE A 188 -8.68 16.63 -9.30
C ILE A 188 -9.59 17.64 -8.58
N ASP A 189 -9.10 18.20 -7.48
CA ASP A 189 -9.90 19.09 -6.66
C ASP A 189 -9.48 20.52 -7.02
N ASP A 190 -9.20 21.36 -6.01
CA ASP A 190 -8.96 22.78 -6.28
C ASP A 190 -7.48 23.10 -6.44
N ASP A 191 -6.66 22.08 -6.32
CA ASP A 191 -5.22 22.20 -6.56
C ASP A 191 -4.66 20.83 -6.99
N ASN A 192 -3.42 20.77 -7.47
CA ASN A 192 -2.81 19.47 -7.83
C ASN A 192 -1.43 19.17 -7.22
N PRO A 193 -1.30 19.23 -5.88
CA PRO A 193 -0.08 18.73 -5.28
C PRO A 193 0.13 17.24 -5.59
N PRO A 194 1.37 16.74 -5.56
CA PRO A 194 1.61 15.31 -5.80
C PRO A 194 0.68 14.40 -5.01
N VAL A 195 0.12 13.39 -5.67
CA VAL A 195 -0.69 12.41 -4.99
C VAL A 195 0.24 11.24 -4.69
N SER A 196 0.38 10.96 -3.41
CA SER A 196 1.41 10.04 -2.92
C SER A 196 0.84 8.67 -2.58
N PHE A 197 -0.48 8.53 -2.58
CA PHE A 197 -1.13 7.29 -2.19
C PHE A 197 -2.58 7.33 -2.60
N VAL A 198 -3.10 6.18 -3.04
CA VAL A 198 -4.53 6.01 -3.29
C VAL A 198 -4.91 4.52 -3.10
N LYS A 199 -6.11 4.29 -2.60
CA LYS A 199 -6.74 2.97 -2.64
C LYS A 199 -8.28 3.12 -2.58
N PHE A 200 -8.99 2.15 -3.15
CA PHE A 200 -10.43 1.92 -2.92
C PHE A 200 -10.74 1.52 -1.50
N SER A 201 -11.92 1.90 -1.03
CA SER A 201 -12.48 1.37 0.21
C SER A 201 -12.80 -0.10 -0.02
N PRO A 202 -12.98 -0.87 1.06
CA PRO A 202 -13.31 -2.30 0.90
C PRO A 202 -14.56 -2.58 0.03
N ASN A 203 -15.58 -1.74 0.17
CA ASN A 203 -16.82 -1.91 -0.61
C ASN A 203 -16.73 -1.33 -2.02
N GLY A 204 -15.59 -0.71 -2.34
CA GLY A 204 -15.34 -0.23 -3.69
C GLY A 204 -16.05 1.05 -4.05
N LYS A 205 -16.69 1.70 -3.07
CA LYS A 205 -17.52 2.86 -3.34
C LYS A 205 -16.71 4.14 -3.29
N TYR A 206 -15.63 4.14 -2.52
CA TYR A 206 -14.85 5.35 -2.27
C TYR A 206 -13.38 5.12 -2.57
N ILE A 207 -12.66 6.23 -2.67
CA ILE A 207 -11.21 6.23 -2.85
C ILE A 207 -10.61 7.14 -1.78
N LEU A 208 -9.62 6.63 -1.03
CA LEU A 208 -8.86 7.42 -0.10
C LEU A 208 -7.56 7.80 -0.78
N ALA A 209 -7.20 9.09 -0.75
CA ALA A 209 -6.01 9.57 -1.46
C ALA A 209 -5.22 10.51 -0.58
N ALA A 210 -3.90 10.36 -0.59
CA ALA A 210 -3.03 11.29 0.13
C ALA A 210 -2.32 12.16 -0.84
N THR A 211 -2.12 13.40 -0.42
CA THR A 211 -1.34 14.37 -1.19
C THR A 211 -0.25 14.93 -0.29
N LEU A 212 0.82 15.38 -0.93
CA LEU A 212 2.00 15.87 -0.24
C LEU A 212 1.85 17.32 0.23
N ASP A 213 0.62 17.68 0.61
CA ASP A 213 0.31 18.91 1.32
C ASP A 213 -0.31 18.54 2.67
N ASN A 214 0.16 17.45 3.27
CA ASN A 214 -0.28 17.01 4.61
C ASN A 214 -1.75 16.67 4.70
N THR A 215 -2.30 16.13 3.63
CA THR A 215 -3.73 15.90 3.58
C THR A 215 -4.11 14.54 3.02
N LEU A 216 -5.13 13.96 3.65
CA LEU A 216 -5.84 12.80 3.14
C LEU A 216 -7.28 13.20 2.77
N LYS A 217 -7.75 12.71 1.63
CA LYS A 217 -9.14 12.95 1.21
C LYS A 217 -9.88 11.68 0.88
N LEU A 218 -11.16 11.66 1.26
CA LEU A 218 -12.07 10.57 0.87
C LEU A 218 -12.97 11.02 -0.27
N TRP A 219 -12.90 10.31 -1.40
CA TRP A 219 -13.62 10.67 -2.60
C TRP A 219 -14.74 9.69 -2.90
N ASP A 220 -15.88 10.19 -3.34
CA ASP A 220 -16.88 9.36 -4.02
C ASP A 220 -16.44 9.32 -5.48
N TYR A 221 -16.03 8.17 -6.01
N TYR A 221 -16.04 8.12 -5.92
CA TYR A 221 -15.52 8.20 -7.38
CA TYR A 221 -15.57 7.86 -7.28
C TYR A 221 -16.61 8.05 -8.47
C TYR A 221 -16.63 8.14 -8.34
N SER A 222 -17.79 7.52 -8.14
CA SER A 222 -18.90 7.58 -9.11
C SER A 222 -19.30 9.03 -9.34
N LYS A 223 -19.54 9.75 -8.26
CA LYS A 223 -19.94 11.17 -8.30
C LYS A 223 -18.80 12.13 -8.64
N GLY A 224 -17.56 11.65 -8.54
CA GLY A 224 -16.39 12.50 -8.75
C GLY A 224 -16.18 13.61 -7.73
N LYS A 225 -16.59 13.37 -6.47
CA LYS A 225 -16.58 14.41 -5.41
C LYS A 225 -15.83 14.02 -4.13
N CYS A 226 -15.20 15.00 -3.50
CA CYS A 226 -14.52 14.82 -2.22
C CYS A 226 -15.53 14.96 -1.07
N LEU A 227 -15.67 13.91 -0.28
CA LEU A 227 -16.59 13.88 0.85
C LEU A 227 -15.96 14.28 2.19
N LYS A 228 -14.71 13.87 2.42
CA LYS A 228 -14.07 14.10 3.72
C LYS A 228 -12.61 14.46 3.53
N THR A 229 -12.10 15.25 4.47
CA THR A 229 -10.70 15.66 4.50
C THR A 229 -10.10 15.37 5.90
N TYR A 230 -8.91 14.75 5.94
CA TYR A 230 -8.21 14.41 7.20
C TYR A 230 -6.85 15.07 7.25
N THR A 231 -6.61 15.81 8.34
CA THR A 231 -5.35 16.54 8.52
C THR A 231 -4.89 16.46 9.97
N GLY A 232 -3.73 17.06 10.25
CA GLY A 232 -3.14 17.09 11.59
C GLY A 232 -1.84 16.32 11.61
N HIS A 233 -1.70 15.38 10.67
CA HIS A 233 -0.43 14.67 10.44
C HIS A 233 0.53 15.45 9.53
N LYS A 234 1.77 14.97 9.47
CA LYS A 234 2.77 15.57 8.59
C LYS A 234 3.10 14.65 7.41
N ASN A 235 2.93 15.15 6.19
CA ASN A 235 3.22 14.37 4.98
C ASN A 235 3.48 15.31 3.79
N GLU A 236 4.75 15.68 3.60
N GLU A 236 4.74 15.68 3.59
CA GLU A 236 5.17 16.55 2.48
CA GLU A 236 5.14 16.53 2.47
C GLU A 236 6.28 15.98 1.61
C GLU A 236 6.33 16.01 1.67
N LYS A 237 6.78 14.79 1.96
CA LYS A 237 7.96 14.24 1.29
C LYS A 237 7.83 12.79 0.87
N TYR A 238 7.39 11.93 1.78
CA TYR A 238 7.38 10.49 1.52
C TYR A 238 6.01 9.99 1.12
N CYS A 239 6.00 8.89 0.39
CA CYS A 239 4.74 8.34 -0.07
C CYS A 239 4.30 7.35 1.00
N ILE A 240 3.42 7.84 1.86
CA ILE A 240 2.98 7.14 3.05
C ILE A 240 1.64 6.47 2.79
N PHE A 241 1.58 5.19 3.13
CA PHE A 241 0.42 4.36 2.87
C PHE A 241 -0.60 4.59 3.97
N ALA A 242 -1.86 4.72 3.59
CA ALA A 242 -2.97 4.83 4.55
C ALA A 242 -4.02 3.75 4.34
N ASN A 243 -4.96 3.61 5.28
CA ASN A 243 -5.92 2.53 5.23
C ASN A 243 -7.24 2.92 5.82
N PHE A 244 -8.26 2.14 5.45
CA PHE A 244 -9.54 2.09 6.16
C PHE A 244 -9.44 1.02 7.22
N SER A 245 -9.74 1.35 8.47
CA SER A 245 -9.89 0.32 9.50
C SER A 245 -11.39 0.03 9.69
N VAL A 246 -11.80 -1.22 9.45
CA VAL A 246 -13.22 -1.55 9.41
C VAL A 246 -13.66 -2.67 10.36
N THR A 247 -12.71 -3.26 11.09
CA THR A 247 -13.01 -4.42 11.93
C THR A 247 -13.74 -4.07 13.23
N GLY A 248 -13.44 -2.89 13.76
CA GLY A 248 -14.15 -2.33 14.93
C GLY A 248 -14.84 -1.03 14.55
N GLY A 249 -14.44 0.07 15.19
CA GLY A 249 -14.92 1.37 14.74
C GLY A 249 -14.35 1.72 13.37
N LYS A 250 -15.01 2.63 12.67
CA LYS A 250 -14.59 3.01 11.32
C LYS A 250 -13.57 4.11 11.38
N TRP A 251 -12.30 3.76 11.14
CA TRP A 251 -11.24 4.76 11.26
C TRP A 251 -10.51 4.90 9.94
N ILE A 252 -9.75 6.00 9.83
CA ILE A 252 -8.71 6.17 8.80
C ILE A 252 -7.38 6.10 9.54
N VAL A 253 -6.44 5.33 8.98
CA VAL A 253 -5.16 5.08 9.60
C VAL A 253 -4.06 5.51 8.63
N SER A 254 -3.07 6.28 9.09
CA SER A 254 -1.93 6.65 8.24
C SER A 254 -0.69 6.77 9.04
N GLY A 255 0.45 6.65 8.37
CA GLY A 255 1.72 7.02 8.95
C GLY A 255 1.91 8.53 8.84
N SER A 256 3.06 9.00 9.28
CA SER A 256 3.32 10.44 9.38
C SER A 256 4.82 10.68 9.48
N GLU A 257 5.27 11.83 9.01
CA GLU A 257 6.71 12.15 9.02
C GLU A 257 7.18 12.71 10.36
N ASP A 258 6.29 12.76 11.35
CA ASP A 258 6.65 13.08 12.73
C ASP A 258 6.77 11.80 13.56
N ASN A 259 6.79 10.64 12.88
CA ASN A 259 7.06 9.33 13.50
C ASN A 259 5.88 8.69 14.22
N LEU A 260 4.70 9.27 14.08
CA LEU A 260 3.51 8.72 14.72
C LEU A 260 2.62 8.03 13.72
N VAL A 261 1.77 7.11 14.21
CA VAL A 261 0.63 6.61 13.49
C VAL A 261 -0.59 7.43 13.91
N TYR A 262 -1.23 8.07 12.93
CA TYR A 262 -2.49 8.79 13.15
C TYR A 262 -3.72 7.94 12.84
N ILE A 263 -4.71 8.04 13.72
CA ILE A 263 -6.00 7.42 13.50
C ILE A 263 -7.08 8.53 13.60
N TRP A 264 -7.96 8.56 12.61
CA TRP A 264 -9.07 9.53 12.55
C TRP A 264 -10.38 8.79 12.57
N ASN A 265 -11.41 9.40 13.19
CA ASN A 265 -12.78 8.97 12.97
C ASN A 265 -13.19 9.26 11.54
N LEU A 266 -13.61 8.24 10.79
CA LEU A 266 -13.88 8.42 9.36
C LEU A 266 -14.97 9.48 9.14
N GLN A 267 -16.08 9.35 9.86
CA GLN A 267 -17.21 10.28 9.72
C GLN A 267 -16.90 11.74 10.13
N THR A 268 -16.34 11.94 11.31
CA THR A 268 -16.18 13.28 11.89
C THR A 268 -14.84 13.92 11.62
N LYS A 269 -13.88 13.13 11.10
CA LYS A 269 -12.57 13.63 10.70
C LYS A 269 -11.69 14.05 11.87
N GLU A 270 -12.14 13.77 13.10
CA GLU A 270 -11.35 14.10 14.27
C GLU A 270 -10.27 13.05 14.44
N ILE A 271 -9.09 13.49 14.88
CA ILE A 271 -8.03 12.57 15.27
C ILE A 271 -8.49 11.88 16.54
N VAL A 272 -8.43 10.56 16.58
CA VAL A 272 -8.88 9.83 17.78
C VAL A 272 -7.72 9.19 18.55
N GLN A 273 -6.62 8.92 17.86
CA GLN A 273 -5.45 8.39 18.51
C GLN A 273 -4.17 8.73 17.73
N LYS A 274 -3.08 8.91 18.45
CA LYS A 274 -1.77 9.08 17.83
C LYS A 274 -0.80 8.08 18.46
N LEU A 275 -0.31 7.11 17.70
CA LEU A 275 0.46 6.02 18.30
C LEU A 275 1.95 6.34 18.29
N GLN A 276 2.54 6.35 19.47
CA GLN A 276 3.92 6.78 19.65
C GLN A 276 4.82 5.58 19.87
N GLY A 277 6.03 5.64 19.31
CA GLY A 277 7.02 4.60 19.55
C GLY A 277 8.08 4.51 18.47
N HIS A 278 7.71 4.71 17.22
CA HIS A 278 8.71 4.72 16.14
C HIS A 278 9.69 5.87 16.30
N THR A 279 10.88 5.69 15.75
CA THR A 279 11.94 6.72 15.84
C THR A 279 12.28 7.40 14.51
N ASP A 280 11.53 7.04 13.45
CA ASP A 280 11.69 7.63 12.11
C ASP A 280 10.31 7.65 11.44
N VAL A 281 10.26 8.23 10.25
CA VAL A 281 9.04 8.35 9.43
C VAL A 281 8.32 7.00 9.37
N VAL A 282 7.03 6.99 9.68
CA VAL A 282 6.19 5.80 9.54
C VAL A 282 5.64 5.80 8.12
N ILE A 283 6.25 5.01 7.24
CA ILE A 283 5.92 5.12 5.84
C ILE A 283 4.79 4.17 5.42
N SER A 284 4.55 3.13 6.22
CA SER A 284 3.52 2.17 5.88
C SER A 284 2.74 1.77 7.12
N THR A 285 1.43 1.67 6.94
CA THR A 285 0.54 1.04 7.91
C THR A 285 -0.29 -0.04 7.21
N ALA A 286 -0.75 -1.01 7.97
CA ALA A 286 -1.69 -2.01 7.47
C ALA A 286 -2.68 -2.32 8.57
N CYS A 287 -3.88 -2.74 8.18
CA CYS A 287 -4.93 -3.07 9.14
C CYS A 287 -5.27 -4.55 8.92
N HIS A 288 -5.29 -5.31 10.00
CA HIS A 288 -5.57 -6.75 9.94
C HIS A 288 -7.00 -6.98 9.39
N PRO A 289 -7.21 -8.05 8.60
CA PRO A 289 -8.52 -8.20 7.96
C PRO A 289 -9.71 -8.53 8.91
N THR A 290 -9.45 -9.20 10.01
CA THR A 290 -10.54 -9.56 10.93
C THR A 290 -10.43 -9.05 12.36
N GLU A 291 -9.23 -8.75 12.84
CA GLU A 291 -8.99 -8.29 14.19
C GLU A 291 -8.57 -6.82 14.18
N ASN A 292 -8.73 -6.16 15.33
CA ASN A 292 -8.34 -4.76 15.48
C ASN A 292 -6.84 -4.71 15.78
N ILE A 293 -6.06 -4.91 14.73
CA ILE A 293 -4.60 -4.94 14.78
C ILE A 293 -4.07 -4.04 13.68
N ILE A 294 -3.12 -3.18 14.03
CA ILE A 294 -2.43 -2.34 13.06
C ILE A 294 -0.96 -2.73 13.02
N ALA A 295 -0.39 -2.81 11.82
CA ALA A 295 1.06 -2.91 11.67
C ALA A 295 1.56 -1.60 11.10
N SER A 296 2.68 -1.12 11.62
CA SER A 296 3.34 0.06 11.08
C SER A 296 4.81 -0.24 10.82
N ALA A 297 5.36 0.45 9.84
CA ALA A 297 6.80 0.29 9.46
C ALA A 297 7.43 1.64 9.30
N ALA A 298 8.71 1.72 9.66
CA ALA A 298 9.44 2.98 9.69
C ALA A 298 10.72 2.92 8.91
N LEU A 299 11.29 4.10 8.65
CA LEU A 299 12.42 4.24 7.76
C LEU A 299 13.78 4.01 8.45
N GLU A 300 14.86 4.43 7.77
CA GLU A 300 16.21 3.96 8.00
C GLU A 300 16.73 4.10 9.44
N ASN A 301 16.25 5.11 10.17
CA ASN A 301 16.75 5.38 11.51
C ASN A 301 16.04 4.53 12.55
N ASP A 302 15.05 3.75 12.12
CA ASP A 302 14.22 2.99 13.03
C ASP A 302 14.36 1.52 12.68
N LYS A 303 14.03 1.16 11.43
CA LYS A 303 14.22 -0.20 10.88
C LYS A 303 13.27 -1.27 11.44
N THR A 304 12.27 -0.87 12.21
CA THR A 304 11.38 -1.84 12.82
C THR A 304 9.94 -1.69 12.35
N ILE A 305 9.22 -2.76 12.62
CA ILE A 305 7.81 -2.85 12.39
C ILE A 305 7.16 -2.98 13.78
N LYS A 306 6.01 -2.36 13.97
CA LYS A 306 5.32 -2.48 15.23
C LYS A 306 3.91 -2.99 14.99
N LEU A 307 3.44 -3.79 15.93
CA LEU A 307 2.13 -4.37 15.91
C LEU A 307 1.40 -3.83 17.13
N TRP A 308 0.26 -3.19 16.88
CA TRP A 308 -0.55 -2.52 17.91
C TRP A 308 -1.92 -3.16 17.90
N LYS A 309 -2.54 -3.29 19.07
CA LYS A 309 -3.86 -3.91 19.16
C LYS A 309 -4.80 -3.08 20.03
N SER A 310 -6.09 -3.09 19.66
CA SER A 310 -7.12 -2.33 20.33
C SER A 310 -8.29 -3.23 20.69
N ASP A 311 -9.06 -2.81 21.68
CA ASP A 311 -10.29 -3.51 22.07
C ASP A 311 -11.46 -3.18 21.16
N CYS A 312 -11.33 -2.16 20.32
CA CYS A 312 -12.43 -1.74 19.44
C CYS A 312 -11.90 -1.00 18.21
FAD 37F B . 11.58 4.52 1.40
CBK 37F B . 11.21 3.27 1.18
FAE 37F B . 9.91 3.25 1.10
FAF 37F B . 11.59 2.54 2.20
CBE 37F B . 11.82 2.83 -0.03
CAP 37F B . 12.85 1.85 0.03
CBF 37F B . 13.45 1.38 -1.14
OAC 37F B . 14.33 0.51 -1.13
NAX 37F B . 13.03 1.89 -2.36
CAN 37F B . 12.08 2.82 -2.43
CBC 37F B . 11.41 3.31 -1.31
CAY 37F B . 10.42 4.32 -1.56
OAB 37F B . 10.40 5.34 -0.88
NAW 37F B . 9.55 4.05 -2.53
CBB 37F B . 8.70 4.96 -3.11
CAO 37F B . 9.30 5.97 -3.86
CBD 37F B . 7.30 4.80 -3.11
NBJ 37F B . 6.60 3.90 -2.38
CAT 37F B . 6.88 3.90 -0.94
CAR 37F B . 6.37 2.67 -0.25
NBI 37F B . 4.99 2.37 -0.50
CAA 37F B . 4.52 1.12 0.10
CAS 37F B . 4.85 2.11 -1.95
CAU 37F B . 5.27 3.35 -2.78
CAJ 37F B . 6.57 5.78 -3.81
CAI 37F B . 7.20 6.80 -4.53
CAZ 37F B . 8.58 6.93 -4.58
CBA 37F B . 9.24 7.99 -5.32
CAQ 37F B . 8.55 9.01 -6.01
CBG 37F B . 9.28 10.01 -6.70
CAK 37F B . 8.62 11.02 -7.38
CAG 37F B . 9.32 12.03 -8.07
CAH 37F B . 10.72 12.01 -8.09
CAL 37F B . 11.38 11.00 -7.41
CBH 37F B . 10.68 10.01 -6.73
NAV 37F B . 11.35 9.05 -6.08
CAM 37F B . 10.65 8.04 -5.37
CL CL C . 14.79 -17.68 6.70
C1 EDO D . 14.93 10.57 7.28
O1 EDO D . 14.31 10.82 8.56
C2 EDO D . 14.45 9.23 6.75
O2 EDO D . 15.36 8.19 7.14
C1 EDO E . 5.04 -18.96 5.87
O1 EDO E . 5.67 -20.14 6.40
C2 EDO E . 3.72 -19.39 5.33
O2 EDO E . 3.97 -20.21 4.18
C1 EDO F . -6.95 -9.03 -3.46
O1 EDO F . -7.28 -8.47 -2.18
C2 EDO F . -5.59 -9.72 -3.39
O2 EDO F . -5.21 -9.95 -2.01
UNK UNX G . 13.74 4.79 -5.16
UNK UNX H . -5.92 -4.16 0.34
UNK UNX I . -3.50 -2.80 0.73
UNK UNX J . 11.27 0.45 -5.66
UNK UNX K . -16.03 2.76 3.66
UNK UNX L . -6.07 -6.22 -19.78
UNK UNX M . -14.27 18.08 4.46
#